data_4JDG
#
_entry.id   4JDG
#
_cell.length_a   115.944
_cell.length_b   115.944
_cell.length_c   74.713
_cell.angle_alpha   90.00
_cell.angle_beta   90.00
_cell.angle_gamma   120.00
#
_symmetry.space_group_name_H-M   'H 3'
#
loop_
_entity.id
_entity.type
_entity.pdbx_description
1 polymer Nuclease
2 branched beta-D-mannopyranose-(1-4)-2-acetamido-2-deoxy-beta-D-glucopyranose-(1-4)-2-acetamido-2-deoxy-beta-D-glucopyranose
3 branched alpha-D-mannopyranose-(1-6)-beta-D-mannopyranose-(1-4)-2-acetamido-2-deoxy-beta-D-glucopyranose-(1-4)-2-acetamido-2-deoxy-beta-D-glucopyranose
4 non-polymer 'ZINC ION'
5 non-polymer 'PHOSPHATE ION'
6 water water
#
_entity_poly.entity_id   1
_entity_poly.type   'polypeptide(L)'
_entity_poly.pdbx_seq_one_letter_code
;WSKEGHVMTCRIAQGLLNDEAAHAVKMLLPEYVNGDLSALCVWPDQVRHWYKYKWTSPLHFIDTPDKACNFDYERDCHDQ
HGVKDMCVAGAIQNFTTQLSHYREGTSDRRYNMTEALLFLSHFMGDIHQPMHVGFTSDAGGNSIDLRWFRHKSNLHHVWD
REIILTAAKDYYAKDINLLEEDIEGDFTDGIWSDDLASWRECGNVFSCVNKFATESINIACKWGYKGVEAGETLSDDYFN
SRLPIVMKRVAQGGIRLAMLLNNVFGASQQEDSVVAT
;
_entity_poly.pdbx_strand_id   A
#
loop_
_chem_comp.id
_chem_comp.type
_chem_comp.name
_chem_comp.formula
BMA D-saccharide, beta linking beta-D-mannopyranose 'C6 H12 O6'
MAN D-saccharide, alpha linking alpha-D-mannopyranose 'C6 H12 O6'
NAG D-saccharide, beta linking 2-acetamido-2-deoxy-beta-D-glucopyranose 'C8 H15 N O6'
PO4 non-polymer 'PHOSPHATE ION' 'O4 P -3'
ZN non-polymer 'ZINC ION' 'Zn 2'
#
# COMPACT_ATOMS: atom_id res chain seq x y z
N TRP A 1 2.58 4.56 0.18
CA TRP A 1 3.40 4.92 -0.99
C TRP A 1 3.03 6.32 -1.47
N SER A 2 3.97 6.99 -2.13
CA SER A 2 3.70 8.23 -2.84
C SER A 2 3.25 7.85 -4.23
N LYS A 3 3.04 8.85 -5.09
CA LYS A 3 2.52 8.61 -6.43
C LYS A 3 3.02 7.29 -6.99
N GLU A 4 4.34 7.10 -6.96
CA GLU A 4 4.97 6.05 -7.75
C GLU A 4 4.58 4.63 -7.28
N GLY A 5 4.67 4.36 -5.99
CA GLY A 5 4.30 3.03 -5.47
C GLY A 5 2.87 2.66 -5.82
N HIS A 6 1.96 3.60 -5.60
CA HIS A 6 0.57 3.35 -5.95
C HIS A 6 0.38 3.07 -7.43
N VAL A 7 1.01 3.87 -8.30
CA VAL A 7 0.77 3.66 -9.75
C VAL A 7 1.17 2.24 -10.15
N MET A 8 2.31 1.76 -9.64
CA MET A 8 2.83 0.46 -10.00
C MET A 8 1.98 -0.63 -9.38
N THR A 9 1.69 -0.49 -8.08
CA THR A 9 0.79 -1.43 -7.41
C THR A 9 -0.45 -1.61 -8.26
N CYS A 10 -1.07 -0.51 -8.69
CA CYS A 10 -2.33 -0.58 -9.46
C CYS A 10 -2.19 -1.08 -10.91
N ARG A 11 -1.18 -0.60 -11.65
CA ARG A 11 -0.94 -1.16 -13.00
C ARG A 11 -0.79 -2.69 -12.90
N ILE A 12 0.06 -3.13 -11.97
CA ILE A 12 0.29 -4.54 -11.75
C ILE A 12 -1.04 -5.19 -11.46
N ALA A 13 -1.73 -4.66 -10.45
CA ALA A 13 -3.03 -5.15 -10.03
C ALA A 13 -4.04 -5.26 -11.16
N GLN A 14 -4.15 -4.23 -11.99
CA GLN A 14 -5.12 -4.24 -13.09
C GLN A 14 -4.81 -5.31 -14.16
N GLY A 15 -3.53 -5.54 -14.43
CA GLY A 15 -3.12 -6.57 -15.39
C GLY A 15 -3.44 -8.02 -15.02
N LEU A 16 -3.71 -8.26 -13.73
CA LEU A 16 -4.02 -9.59 -13.23
C LEU A 16 -5.53 -9.81 -12.97
N LEU A 17 -6.38 -8.92 -13.48
CA LEU A 17 -7.82 -9.01 -13.22
C LEU A 17 -8.53 -9.97 -14.17
N ASN A 18 -9.42 -10.78 -13.61
CA ASN A 18 -10.29 -11.63 -14.44
C ASN A 18 -11.29 -10.77 -15.23
N ASP A 19 -12.18 -11.42 -15.97
CA ASP A 19 -13.10 -10.71 -16.85
C ASP A 19 -14.12 -9.85 -16.05
N GLU A 20 -14.78 -10.45 -15.08
CA GLU A 20 -15.75 -9.73 -14.22
C GLU A 20 -15.12 -8.49 -13.51
N ALA A 21 -13.90 -8.64 -13.02
CA ALA A 21 -13.23 -7.54 -12.31
C ALA A 21 -12.71 -6.42 -13.26
N ALA A 22 -12.35 -6.76 -14.49
CA ALA A 22 -11.99 -5.72 -15.44
C ALA A 22 -13.24 -4.92 -15.88
N HIS A 23 -14.32 -5.63 -16.18
CA HIS A 23 -15.55 -4.97 -16.59
C HIS A 23 -16.00 -4.00 -15.51
N ALA A 24 -15.94 -4.42 -14.24
CA ALA A 24 -16.44 -3.59 -13.13
C ALA A 24 -15.64 -2.32 -12.98
N VAL A 25 -14.31 -2.45 -12.95
CA VAL A 25 -13.40 -1.32 -12.79
C VAL A 25 -13.50 -0.31 -13.93
N LYS A 26 -13.64 -0.80 -15.16
CA LYS A 26 -13.85 0.12 -16.28
C LYS A 26 -15.11 0.94 -16.06
N MET A 27 -16.21 0.27 -15.71
CA MET A 27 -17.49 0.93 -15.51
C MET A 27 -17.45 1.88 -14.32
N LEU A 28 -16.70 1.50 -13.28
CA LEU A 28 -16.63 2.28 -12.05
C LEU A 28 -15.79 3.55 -12.20
N LEU A 29 -14.98 3.60 -13.26
CA LEU A 29 -14.04 4.71 -13.45
C LEU A 29 -14.61 5.74 -14.41
N PRO A 30 -14.24 7.02 -14.22
CA PRO A 30 -14.68 8.07 -15.12
C PRO A 30 -13.97 7.94 -16.48
N GLU A 31 -14.62 8.39 -17.54
CA GLU A 31 -14.07 8.32 -18.91
C GLU A 31 -12.67 8.95 -19.06
N TYR A 32 -12.44 10.10 -18.44
CA TYR A 32 -11.17 10.82 -18.64
C TYR A 32 -9.86 10.08 -18.32
N VAL A 33 -9.92 8.86 -17.77
CA VAL A 33 -8.69 8.07 -17.51
C VAL A 33 -8.59 6.81 -18.40
N ASN A 34 -9.53 6.58 -19.29
CA ASN A 34 -9.41 5.50 -20.29
C ASN A 34 -9.28 4.08 -19.74
N GLY A 35 -9.89 3.82 -18.59
CA GLY A 35 -9.83 2.49 -17.97
C GLY A 35 -8.61 2.27 -17.10
N ASP A 36 -7.87 3.35 -16.84
CA ASP A 36 -6.59 3.25 -16.17
C ASP A 36 -6.69 3.49 -14.64
N LEU A 37 -6.91 2.41 -13.90
CA LEU A 37 -7.02 2.49 -12.43
C LEU A 37 -5.88 3.30 -11.80
N SER A 38 -4.65 2.97 -12.15
CA SER A 38 -3.45 3.71 -11.72
C SER A 38 -3.57 5.22 -11.72
N ALA A 39 -4.32 5.77 -12.69
CA ALA A 39 -4.45 7.23 -12.84
C ALA A 39 -5.02 7.89 -11.62
N LEU A 40 -5.88 7.15 -10.92
CA LEU A 40 -6.61 7.65 -9.74
C LEU A 40 -6.17 7.09 -8.39
N CYS A 41 -5.30 6.08 -8.36
CA CYS A 41 -4.92 5.43 -7.09
C CYS A 41 -4.39 6.39 -6.03
N VAL A 42 -3.94 7.57 -6.43
CA VAL A 42 -3.45 8.56 -5.45
C VAL A 42 -4.61 9.35 -4.86
N TRP A 43 -5.75 9.33 -5.54
CA TRP A 43 -6.90 10.16 -5.19
C TRP A 43 -7.12 10.28 -3.67
N PRO A 44 -7.09 9.15 -2.94
CA PRO A 44 -7.30 9.25 -1.50
C PRO A 44 -6.30 10.11 -0.77
N ASP A 45 -5.15 10.35 -1.38
CA ASP A 45 -4.06 11.07 -0.71
C ASP A 45 -4.26 12.56 -0.87
N GLN A 46 -5.03 12.94 -1.90
CA GLN A 46 -5.38 14.34 -2.14
C GLN A 46 -6.45 14.74 -1.13
N VAL A 47 -7.53 13.95 -1.08
CA VAL A 47 -8.71 14.24 -0.26
C VAL A 47 -8.48 14.02 1.23
N ARG A 48 -7.37 13.39 1.55
CA ARG A 48 -6.86 13.23 2.91
C ARG A 48 -6.91 14.55 3.71
N HIS A 49 -6.81 15.69 3.00
CA HIS A 49 -6.64 17.01 3.62
C HIS A 49 -7.87 17.91 3.60
N TRP A 50 -8.90 17.43 2.89
CA TRP A 50 -10.17 18.10 2.82
C TRP A 50 -10.93 17.84 4.13
N TYR A 51 -11.51 18.88 4.73
CA TYR A 51 -12.35 18.72 5.93
C TYR A 51 -13.41 17.64 5.70
N LYS A 52 -14.01 17.67 4.51
CA LYS A 52 -15.05 16.71 4.13
C LYS A 52 -14.62 15.28 4.48
N TYR A 53 -13.43 14.88 4.01
CA TYR A 53 -12.88 13.56 4.26
C TYR A 53 -11.79 13.56 5.36
N LYS A 54 -11.93 14.41 6.37
CA LYS A 54 -11.07 14.30 7.55
C LYS A 54 -11.10 12.86 8.12
N TRP A 55 -12.23 12.19 7.97
CA TRP A 55 -12.41 10.85 8.56
C TRP A 55 -11.49 9.79 7.96
N THR A 56 -10.92 10.07 6.79
CA THR A 56 -10.03 9.12 6.16
C THR A 56 -8.59 9.27 6.64
N SER A 57 -8.27 10.34 7.36
CA SER A 57 -6.94 10.55 7.95
C SER A 57 -6.26 9.27 8.48
N PRO A 58 -6.79 8.66 9.55
CA PRO A 58 -6.11 7.48 10.12
C PRO A 58 -6.14 6.19 9.29
N LEU A 59 -6.97 6.11 8.27
CA LEU A 59 -7.14 4.87 7.49
C LEU A 59 -5.93 4.56 6.60
N HIS A 60 -4.88 5.35 6.65
CA HIS A 60 -3.74 5.10 5.75
C HIS A 60 -2.70 4.21 6.39
N PHE A 61 -2.75 4.12 7.73
CA PHE A 61 -1.71 3.48 8.48
C PHE A 61 -2.21 2.67 9.68
N ILE A 62 -1.24 2.09 10.38
CA ILE A 62 -1.43 1.52 11.69
C ILE A 62 -0.27 2.01 12.51
N ASP A 63 -0.55 2.43 13.73
CA ASP A 63 0.49 2.79 14.65
C ASP A 63 0.58 1.65 15.66
N THR A 64 1.77 1.04 15.71
CA THR A 64 2.05 -0.04 16.67
C THR A 64 2.85 0.57 17.82
N PRO A 65 2.83 -0.07 19.00
CA PRO A 65 3.59 0.49 20.12
C PRO A 65 5.10 0.34 19.87
N ASP A 66 5.87 1.26 20.44
CA ASP A 66 7.29 1.39 20.08
C ASP A 66 8.08 0.14 20.46
N LYS A 67 9.00 -0.26 19.58
CA LYS A 67 9.92 -1.39 19.78
C LYS A 67 9.23 -2.75 19.94
N ALA A 68 7.89 -2.75 20.03
CA ALA A 68 7.13 -3.98 20.18
C ALA A 68 7.29 -4.88 18.97
N CYS A 69 7.41 -4.28 17.79
CA CYS A 69 7.64 -5.03 16.55
C CYS A 69 6.60 -6.12 16.24
N ASN A 70 5.36 -5.94 16.70
CA ASN A 70 4.22 -6.77 16.25
C ASN A 70 2.88 -6.01 16.15
N PHE A 71 1.93 -6.64 15.47
CA PHE A 71 0.64 -6.04 15.25
C PHE A 71 -0.48 -6.86 15.90
N ASP A 72 -1.23 -6.22 16.79
CA ASP A 72 -2.47 -6.79 17.34
C ASP A 72 -3.60 -5.85 16.93
N TYR A 73 -4.62 -6.41 16.29
CA TYR A 73 -5.72 -5.63 15.74
C TYR A 73 -6.47 -4.82 16.79
N GLU A 74 -7.04 -5.48 17.79
N GLU A 74 -7.00 -5.50 17.79
CA GLU A 74 -7.84 -4.78 18.83
CA GLU A 74 -7.82 -4.86 18.81
C GLU A 74 -6.97 -3.81 19.59
C GLU A 74 -6.99 -3.86 19.61
N ARG A 75 -5.70 -4.14 19.74
CA ARG A 75 -4.76 -3.20 20.40
C ARG A 75 -4.49 -2.00 19.50
N ASP A 76 -4.26 -2.26 18.20
CA ASP A 76 -3.71 -1.26 17.29
C ASP A 76 -4.74 -0.61 16.36
N CYS A 77 -5.63 -1.39 15.77
CA CYS A 77 -6.54 -0.84 14.78
C CYS A 77 -7.60 0.06 15.41
N HIS A 78 -7.19 1.26 15.79
CA HIS A 78 -8.13 2.31 16.20
C HIS A 78 -7.52 3.68 15.88
N ASP A 79 -8.30 4.75 15.93
CA ASP A 79 -7.70 6.09 15.77
C ASP A 79 -7.18 6.63 17.11
N GLN A 80 -6.90 7.93 17.17
CA GLN A 80 -6.36 8.53 18.39
C GLN A 80 -7.39 8.48 19.54
N HIS A 81 -8.67 8.66 19.22
CA HIS A 81 -9.74 8.68 20.23
C HIS A 81 -10.31 7.28 20.55
N GLY A 82 -9.48 6.24 20.40
CA GLY A 82 -9.88 4.87 20.74
C GLY A 82 -11.03 4.31 19.91
N VAL A 83 -11.36 4.95 18.79
CA VAL A 83 -12.47 4.50 17.95
C VAL A 83 -12.04 3.24 17.22
N LYS A 84 -12.70 2.14 17.53
CA LYS A 84 -12.39 0.82 16.98
C LYS A 84 -12.44 0.86 15.46
N ASP A 85 -11.60 0.03 14.82
CA ASP A 85 -11.62 -0.22 13.36
C ASP A 85 -10.94 0.81 12.43
N MET A 86 -10.58 1.99 12.93
CA MET A 86 -10.09 3.09 12.08
C MET A 86 -8.57 3.01 11.86
N CYS A 87 -8.19 2.21 10.87
CA CYS A 87 -6.80 1.99 10.51
C CYS A 87 -6.83 1.30 9.15
N VAL A 88 -5.70 1.28 8.44
CA VAL A 88 -5.71 0.78 7.06
C VAL A 88 -6.26 -0.65 7.00
N ALA A 89 -5.95 -1.48 8.00
CA ALA A 89 -6.53 -2.84 8.10
C ALA A 89 -8.04 -2.82 8.09
N GLY A 90 -8.64 -2.00 8.95
CA GLY A 90 -10.09 -1.84 8.97
C GLY A 90 -10.61 -1.40 7.62
N ALA A 91 -10.02 -0.35 7.06
CA ALA A 91 -10.51 0.26 5.80
C ALA A 91 -10.62 -0.72 4.65
N ILE A 92 -9.65 -1.61 4.56
CA ILE A 92 -9.64 -2.63 3.51
C ILE A 92 -10.84 -3.57 3.69
N GLN A 93 -11.10 -4.01 4.93
CA GLN A 93 -12.28 -4.85 5.18
C GLN A 93 -13.51 -4.05 4.79
N ASN A 94 -13.55 -2.79 5.23
CA ASN A 94 -14.72 -1.93 5.05
C ASN A 94 -15.05 -1.73 3.58
N PHE A 95 -14.06 -1.25 2.82
CA PHE A 95 -14.25 -0.93 1.42
C PHE A 95 -14.40 -2.17 0.56
N THR A 96 -13.95 -3.32 1.06
CA THR A 96 -14.12 -4.58 0.34
C THR A 96 -15.56 -5.02 0.52
N THR A 97 -16.05 -4.93 1.76
CA THR A 97 -17.46 -5.22 2.06
C THR A 97 -18.40 -4.33 1.23
N GLN A 98 -18.14 -3.01 1.22
CA GLN A 98 -18.90 -2.07 0.39
C GLN A 98 -18.95 -2.59 -1.02
N LEU A 99 -17.79 -2.99 -1.55
CA LEU A 99 -17.75 -3.40 -2.97
C LEU A 99 -18.49 -4.70 -3.22
N SER A 100 -18.75 -5.50 -2.18
CA SER A 100 -19.53 -6.73 -2.41
C SER A 100 -21.01 -6.44 -2.67
N HIS A 101 -21.46 -5.21 -2.43
CA HIS A 101 -22.84 -4.82 -2.73
C HIS A 101 -23.00 -4.33 -4.18
N TYR A 102 -21.92 -4.35 -4.96
CA TYR A 102 -21.94 -3.80 -6.32
C TYR A 102 -22.75 -4.67 -7.27
N ARG A 103 -22.37 -5.94 -7.41
CA ARG A 103 -23.01 -6.85 -8.36
C ARG A 103 -24.49 -6.95 -8.09
N GLU A 104 -24.83 -7.43 -6.88
CA GLU A 104 -26.23 -7.60 -6.47
C GLU A 104 -27.01 -6.27 -6.33
N GLY A 105 -26.28 -5.17 -6.11
CA GLY A 105 -26.91 -3.85 -5.98
C GLY A 105 -27.86 -3.84 -4.81
N THR A 106 -27.33 -3.82 -3.60
CA THR A 106 -28.12 -4.03 -2.38
C THR A 106 -27.77 -3.05 -1.25
N SER A 107 -27.25 -1.88 -1.63
CA SER A 107 -26.88 -0.84 -0.67
C SER A 107 -27.53 0.51 -1.03
N ASP A 108 -28.47 0.48 -1.99
CA ASP A 108 -29.16 1.70 -2.40
C ASP A 108 -28.05 2.73 -2.69
N ARG A 109 -28.07 3.89 -2.03
CA ARG A 109 -27.05 4.92 -2.26
C ARG A 109 -26.27 5.24 -1.00
N ARG A 110 -26.15 4.29 -0.08
CA ARG A 110 -25.38 4.54 1.14
C ARG A 110 -23.87 4.68 0.78
N TYR A 111 -23.43 3.92 -0.21
CA TYR A 111 -22.06 3.81 -0.60
C TYR A 111 -21.81 4.37 -2.03
N ASN A 112 -20.60 4.86 -2.27
CA ASN A 112 -20.12 5.16 -3.64
C ASN A 112 -19.08 4.12 -4.07
N MET A 113 -19.40 3.36 -5.12
CA MET A 113 -18.51 2.25 -5.46
C MET A 113 -17.19 2.74 -6.04
N THR A 114 -17.25 3.80 -6.84
CA THR A 114 -16.03 4.44 -7.38
C THR A 114 -15.08 4.82 -6.26
N GLU A 115 -15.57 5.54 -5.26
CA GLU A 115 -14.72 5.87 -4.12
C GLU A 115 -14.24 4.60 -3.37
N ALA A 116 -15.10 3.60 -3.27
CA ALA A 116 -14.74 2.41 -2.52
C ALA A 116 -13.62 1.73 -3.29
N LEU A 117 -13.72 1.76 -4.61
CA LEU A 117 -12.67 1.21 -5.50
C LEU A 117 -11.31 1.88 -5.32
N LEU A 118 -11.27 3.21 -5.28
CA LEU A 118 -10.02 3.95 -5.13
C LEU A 118 -9.43 3.85 -3.71
N PHE A 119 -10.29 3.71 -2.71
CA PHE A 119 -9.80 3.60 -1.34
C PHE A 119 -9.20 2.20 -1.16
N LEU A 120 -9.95 1.18 -1.56
CA LEU A 120 -9.50 -0.19 -1.41
C LEU A 120 -8.14 -0.32 -2.09
N SER A 121 -8.12 -0.12 -3.41
CA SER A 121 -6.88 -0.09 -4.21
C SER A 121 -5.74 0.71 -3.54
N HIS A 122 -5.98 1.97 -3.23
CA HIS A 122 -4.96 2.79 -2.58
C HIS A 122 -4.46 2.17 -1.29
N PHE A 123 -5.37 1.81 -0.41
CA PHE A 123 -5.03 1.22 0.90
C PHE A 123 -4.40 -0.17 0.83
N MET A 124 -4.71 -0.92 -0.22
CA MET A 124 -4.00 -2.16 -0.46
C MET A 124 -2.49 -1.91 -0.62
N GLY A 125 -2.15 -0.85 -1.35
CA GLY A 125 -0.76 -0.44 -1.51
C GLY A 125 -0.16 0.10 -0.22
N ASP A 126 -0.95 0.85 0.56
CA ASP A 126 -0.40 1.45 1.81
C ASP A 126 -0.03 0.39 2.85
N ILE A 127 -0.84 -0.66 2.96
CA ILE A 127 -0.63 -1.67 4.01
C ILE A 127 0.65 -2.48 3.78
N HIS A 128 1.15 -2.50 2.53
CA HIS A 128 2.40 -3.18 2.18
C HIS A 128 3.65 -2.31 2.29
N GLN A 129 3.46 -0.99 2.36
CA GLN A 129 4.55 -0.07 2.64
C GLN A 129 4.94 -0.29 4.10
N PRO A 130 6.08 -0.96 4.37
CA PRO A 130 6.38 -1.40 5.74
C PRO A 130 6.23 -0.32 6.79
N MET A 131 6.57 0.92 6.43
CA MET A 131 6.52 2.05 7.35
C MET A 131 5.11 2.61 7.56
N HIS A 132 4.11 1.96 6.97
CA HIS A 132 2.70 2.26 7.29
C HIS A 132 2.17 1.46 8.47
N VAL A 133 2.99 0.54 8.97
CA VAL A 133 2.71 -0.15 10.21
C VAL A 133 3.91 0.00 11.15
N GLY A 134 4.41 1.21 11.34
CA GLY A 134 5.56 1.44 12.19
C GLY A 134 5.18 1.94 13.57
N PHE A 135 6.12 2.62 14.23
CA PHE A 135 5.96 2.92 15.65
C PHE A 135 5.16 4.19 15.84
N THR A 136 4.35 4.18 16.89
CA THR A 136 3.48 5.28 17.28
C THR A 136 4.24 6.58 17.49
N SER A 137 5.20 6.55 18.41
CA SER A 137 5.84 7.79 18.91
C SER A 137 6.59 8.56 17.84
N ASP A 138 7.15 7.86 16.84
CA ASP A 138 7.89 8.49 15.75
C ASP A 138 7.10 8.58 14.44
N ALA A 139 5.78 8.31 14.49
CA ALA A 139 4.89 8.53 13.36
C ALA A 139 5.27 7.73 12.09
N GLY A 140 5.52 6.44 12.27
CA GLY A 140 5.90 5.55 11.16
C GLY A 140 7.11 6.04 10.40
N GLY A 141 8.03 6.69 11.12
CA GLY A 141 9.28 7.21 10.57
C GLY A 141 9.24 8.67 10.10
N ASN A 142 8.08 9.30 10.16
CA ASN A 142 7.92 10.69 9.71
C ASN A 142 8.75 11.68 10.50
N SER A 143 8.79 11.49 11.82
CA SER A 143 9.55 12.37 12.73
C SER A 143 10.94 11.79 13.09
N ILE A 144 11.47 10.92 12.23
CA ILE A 144 12.89 10.54 12.25
C ILE A 144 13.51 11.22 11.03
N ASP A 145 13.92 12.48 11.25
CA ASP A 145 14.56 13.30 10.21
C ASP A 145 15.97 12.80 9.95
N LEU A 146 16.26 12.55 8.67
CA LEU A 146 17.57 12.11 8.24
C LEU A 146 17.87 12.78 6.91
N ARG A 147 19.04 12.47 6.35
CA ARG A 147 19.41 12.90 5.02
C ARG A 147 19.46 11.65 4.13
N TRP A 148 18.88 11.74 2.93
CA TRP A 148 18.92 10.67 1.93
C TRP A 148 19.77 11.20 0.79
N PHE A 149 21.06 10.82 0.80
CA PHE A 149 22.10 11.37 -0.10
C PHE A 149 22.33 12.90 0.10
N ARG A 150 21.97 13.74 -0.89
CA ARG A 150 22.28 15.19 -0.84
C ARG A 150 21.08 16.10 -0.51
N HIS A 151 20.06 15.56 0.15
CA HIS A 151 18.92 16.38 0.60
C HIS A 151 18.20 15.80 1.80
N LYS A 152 17.66 16.71 2.62
CA LYS A 152 16.80 16.39 3.76
C LYS A 152 15.61 15.59 3.30
N SER A 153 15.10 14.79 4.23
CA SER A 153 14.06 13.81 3.96
C SER A 153 13.75 13.19 5.31
N ASN A 154 13.10 12.04 5.32
CA ASN A 154 12.91 11.28 6.57
C ASN A 154 12.58 9.84 6.26
N LEU A 155 12.82 8.98 7.25
CA LEU A 155 12.71 7.53 7.08
C LEU A 155 11.41 7.11 6.38
N HIS A 156 10.27 7.57 6.88
CA HIS A 156 9.01 7.27 6.23
C HIS A 156 9.03 7.64 4.75
N HIS A 157 9.64 8.77 4.43
CA HIS A 157 9.69 9.21 3.03
C HIS A 157 10.71 8.45 2.19
N VAL A 158 11.74 7.92 2.85
CA VAL A 158 12.71 7.06 2.19
C VAL A 158 11.94 5.90 1.56
N TRP A 159 11.05 5.30 2.35
CA TRP A 159 10.28 4.13 1.90
C TRP A 159 9.10 4.48 1.02
N ASP A 160 8.44 5.61 1.28
CA ASP A 160 7.33 6.07 0.41
C ASP A 160 7.80 6.46 -0.99
N ARG A 161 9.05 6.91 -1.10
CA ARG A 161 9.48 7.53 -2.35
C ARG A 161 10.95 7.47 -2.73
N GLU A 162 11.84 7.72 -1.77
CA GLU A 162 13.24 8.01 -2.10
C GLU A 162 13.89 6.81 -2.81
N ILE A 163 13.92 5.68 -2.11
CA ILE A 163 14.38 4.41 -2.69
C ILE A 163 13.79 4.13 -4.07
N ILE A 164 12.59 4.62 -4.38
CA ILE A 164 11.94 4.36 -5.68
C ILE A 164 12.31 5.37 -6.74
N LEU A 165 12.31 6.66 -6.37
CA LEU A 165 12.80 7.73 -7.25
C LEU A 165 14.28 7.49 -7.60
N THR A 166 15.10 7.35 -6.54
CA THR A 166 16.51 6.93 -6.63
C THR A 166 16.74 5.76 -7.60
N ALA A 167 16.05 4.66 -7.37
CA ALA A 167 16.16 3.49 -8.27
C ALA A 167 15.77 3.84 -9.71
N ALA A 168 14.77 4.68 -9.89
CA ALA A 168 14.26 4.96 -11.24
C ALA A 168 15.20 5.89 -12.02
N LYS A 169 15.81 6.85 -11.33
CA LYS A 169 16.82 7.76 -11.91
C LYS A 169 18.13 7.05 -12.23
N ASP A 170 18.68 6.34 -11.23
CA ASP A 170 19.94 5.60 -11.37
C ASP A 170 19.93 4.45 -12.40
N TYR A 171 18.78 3.79 -12.62
CA TYR A 171 18.75 2.57 -13.45
C TYR A 171 17.73 2.55 -14.59
N TYR A 172 16.83 3.54 -14.66
CA TYR A 172 15.72 3.51 -15.64
C TYR A 172 15.46 4.85 -16.36
N ALA A 173 16.38 5.81 -16.21
CA ALA A 173 16.23 7.14 -16.80
C ALA A 173 14.94 7.79 -16.29
N LYS A 174 14.66 7.56 -15.01
CA LYS A 174 13.47 8.08 -14.35
C LYS A 174 12.14 7.47 -14.82
N ASP A 175 12.18 6.59 -15.83
CA ASP A 175 10.97 6.02 -16.36
C ASP A 175 10.43 4.92 -15.43
N ILE A 176 9.33 5.23 -14.76
CA ILE A 176 8.71 4.35 -13.78
C ILE A 176 8.11 3.10 -14.46
N ASN A 177 7.53 3.28 -15.64
CA ASN A 177 7.11 2.14 -16.47
C ASN A 177 8.17 1.03 -16.47
N LEU A 178 9.43 1.43 -16.68
CA LEU A 178 10.53 0.45 -16.78
C LEU A 178 10.78 -0.22 -15.44
N LEU A 179 10.87 0.56 -14.38
CA LEU A 179 10.99 -0.01 -13.04
C LEU A 179 9.87 -1.01 -12.77
N GLU A 180 8.67 -0.73 -13.26
CA GLU A 180 7.56 -1.66 -13.04
C GLU A 180 7.77 -2.93 -13.84
N GLU A 181 8.14 -2.77 -15.11
CA GLU A 181 8.34 -3.91 -16.03
C GLU A 181 9.25 -4.97 -15.41
N ASP A 182 10.30 -4.52 -14.73
CA ASP A 182 11.23 -5.42 -14.01
C ASP A 182 10.60 -6.03 -12.76
N ILE A 183 9.88 -5.21 -12.00
CA ILE A 183 9.15 -5.71 -10.83
C ILE A 183 8.12 -6.74 -11.29
N GLU A 184 7.37 -6.43 -12.35
CA GLU A 184 6.46 -7.40 -12.98
C GLU A 184 7.20 -8.70 -13.34
N GLY A 185 8.41 -8.58 -13.86
CA GLY A 185 9.22 -9.72 -14.25
C GLY A 185 9.71 -10.60 -13.10
N ASP A 186 10.22 -9.98 -12.05
CA ASP A 186 10.81 -10.73 -10.92
C ASP A 186 9.86 -11.71 -10.21
N PHE A 187 8.55 -11.60 -10.45
CA PHE A 187 7.61 -12.60 -9.93
C PHE A 187 6.97 -13.48 -11.02
N THR A 188 7.14 -13.14 -12.30
CA THR A 188 6.57 -13.97 -13.38
C THR A 188 7.56 -15.06 -13.79
N ASP A 189 8.72 -14.65 -14.31
CA ASP A 189 9.88 -15.51 -14.43
C ASP A 189 11.04 -14.74 -13.80
N GLY A 190 11.32 -15.07 -12.54
CA GLY A 190 12.36 -14.40 -11.73
C GLY A 190 12.41 -14.92 -10.29
N ILE A 191 13.05 -14.15 -9.41
CA ILE A 191 13.29 -14.55 -8.01
C ILE A 191 12.04 -14.83 -7.15
N TRP A 192 10.88 -14.26 -7.52
CA TRP A 192 9.63 -14.45 -6.73
C TRP A 192 8.57 -15.33 -7.45
N SER A 193 8.99 -16.01 -8.51
CA SER A 193 8.08 -16.81 -9.34
C SER A 193 7.46 -17.97 -8.58
N ASP A 194 8.26 -18.61 -7.74
CA ASP A 194 7.76 -19.74 -6.92
C ASP A 194 6.87 -19.30 -5.75
N ASP A 195 6.68 -17.98 -5.58
CA ASP A 195 6.01 -17.47 -4.39
C ASP A 195 4.60 -16.92 -4.62
N LEU A 196 4.16 -16.83 -5.86
CA LEU A 196 2.85 -16.23 -6.13
C LEU A 196 1.71 -16.88 -5.32
N ALA A 197 1.51 -18.19 -5.49
CA ALA A 197 0.45 -18.87 -4.77
C ALA A 197 0.56 -18.59 -3.27
N SER A 198 1.79 -18.55 -2.76
CA SER A 198 2.06 -18.26 -1.36
C SER A 198 1.61 -16.83 -0.95
N TRP A 199 1.76 -15.89 -1.89
CA TRP A 199 1.29 -14.51 -1.68
C TRP A 199 -0.24 -14.44 -1.69
N ARG A 200 -0.85 -15.36 -2.41
CA ARG A 200 -2.29 -15.41 -2.62
C ARG A 200 -3.09 -16.25 -1.61
N GLU A 201 -2.44 -16.88 -0.62
CA GLU A 201 -3.18 -17.64 0.40
C GLU A 201 -3.03 -17.06 1.81
N CYS A 202 -4.03 -16.26 2.19
CA CYS A 202 -4.09 -15.63 3.51
C CYS A 202 -5.42 -15.90 4.26
N GLY A 203 -6.42 -16.45 3.56
CA GLY A 203 -7.72 -16.74 4.16
C GLY A 203 -8.73 -15.66 3.84
N ASN A 204 -9.71 -15.50 4.72
CA ASN A 204 -10.69 -14.42 4.55
C ASN A 204 -10.05 -13.04 4.78
N VAL A 205 -10.66 -12.04 4.17
CA VAL A 205 -10.18 -10.66 4.21
C VAL A 205 -9.57 -10.26 5.55
N PHE A 206 -10.23 -10.61 6.64
CA PHE A 206 -9.74 -10.19 7.95
C PHE A 206 -8.35 -10.72 8.23
N SER A 207 -8.16 -12.01 7.90
CA SER A 207 -6.90 -12.69 8.13
C SER A 207 -5.84 -12.06 7.23
N CYS A 208 -6.16 -11.92 5.95
CA CYS A 208 -5.28 -11.32 4.95
C CYS A 208 -4.68 -9.97 5.35
N VAL A 209 -5.54 -9.02 5.71
CA VAL A 209 -5.08 -7.71 6.15
C VAL A 209 -4.24 -7.83 7.44
N ASN A 210 -4.51 -8.83 8.28
CA ASN A 210 -3.67 -9.06 9.48
C ASN A 210 -2.30 -9.63 9.09
N LYS A 211 -2.31 -10.52 8.12
CA LYS A 211 -1.08 -11.11 7.62
C LYS A 211 -0.24 -9.97 7.04
N PHE A 212 -0.84 -9.18 6.13
CA PHE A 212 -0.14 -8.06 5.44
C PHE A 212 0.45 -7.06 6.43
N ALA A 213 -0.36 -6.64 7.41
CA ALA A 213 0.10 -5.76 8.50
C ALA A 213 1.33 -6.36 9.19
N THR A 214 1.18 -7.61 9.66
CA THR A 214 2.28 -8.31 10.38
C THR A 214 3.56 -8.26 9.56
N GLU A 215 3.46 -8.72 8.30
CA GLU A 215 4.58 -8.69 7.35
C GLU A 215 5.23 -7.30 7.39
N SER A 216 4.40 -6.24 7.40
CA SER A 216 4.93 -4.88 7.28
C SER A 216 5.71 -4.45 8.51
N ILE A 217 5.25 -4.77 9.71
CA ILE A 217 6.01 -4.32 10.91
C ILE A 217 7.26 -5.17 11.13
N ASN A 218 7.27 -6.41 10.64
CA ASN A 218 8.52 -7.19 10.65
C ASN A 218 9.53 -6.53 9.72
N ILE A 219 9.14 -6.30 8.48
CA ILE A 219 10.02 -5.65 7.51
C ILE A 219 10.49 -4.31 8.07
N ALA A 220 9.58 -3.60 8.74
CA ALA A 220 9.88 -2.31 9.34
C ALA A 220 10.90 -2.40 10.49
N CYS A 221 10.80 -3.45 11.30
CA CYS A 221 11.73 -3.65 12.42
C CYS A 221 13.08 -4.22 11.99
N LYS A 222 13.03 -5.09 10.99
CA LYS A 222 14.21 -5.76 10.47
C LYS A 222 14.98 -4.85 9.51
N TRP A 223 14.27 -4.24 8.54
CA TRP A 223 14.88 -3.41 7.48
C TRP A 223 14.60 -1.90 7.59
N GLY A 224 13.59 -1.50 8.34
CA GLY A 224 13.14 -0.12 8.34
C GLY A 224 13.91 0.76 9.30
N TYR A 225 13.73 0.49 10.59
CA TYR A 225 14.39 1.25 11.65
C TYR A 225 15.81 0.74 11.95
N LYS A 226 16.16 -0.45 11.45
CA LYS A 226 17.50 -1.01 11.66
C LYS A 226 18.52 -0.20 10.88
N GLY A 227 19.59 0.19 11.57
CA GLY A 227 20.71 0.92 10.96
C GLY A 227 20.36 2.34 10.57
N VAL A 228 19.45 2.95 11.34
CA VAL A 228 19.00 4.30 11.07
C VAL A 228 19.04 5.14 12.35
N GLU A 229 19.94 6.11 12.38
CA GLU A 229 19.99 7.08 13.45
C GLU A 229 19.52 8.43 12.89
N ALA A 230 18.90 9.24 13.76
CA ALA A 230 18.31 10.51 13.36
C ALA A 230 19.39 11.56 13.08
N GLY A 231 19.20 12.28 11.98
CA GLY A 231 20.17 13.30 11.55
C GLY A 231 21.23 12.73 10.62
N GLU A 232 21.36 11.41 10.59
CA GLU A 232 22.42 10.77 9.81
C GLU A 232 22.09 10.68 8.32
N THR A 233 23.03 10.10 7.57
CA THR A 233 22.95 10.04 6.13
C THR A 233 22.82 8.59 5.66
N LEU A 234 21.73 8.29 4.96
CA LEU A 234 21.53 6.97 4.36
C LEU A 234 22.08 6.98 2.94
N SER A 235 22.95 6.01 2.65
CA SER A 235 23.78 5.99 1.44
C SER A 235 23.44 4.79 0.55
N ASP A 236 24.34 4.50 -0.39
CA ASP A 236 24.27 3.33 -1.27
C ASP A 236 24.04 2.02 -0.50
N ASP A 237 24.60 1.94 0.69
CA ASP A 237 24.48 0.72 1.50
C ASP A 237 23.01 0.46 1.91
N TYR A 238 22.32 1.49 2.43
CA TYR A 238 20.89 1.37 2.77
C TYR A 238 20.05 1.16 1.51
N PHE A 239 20.28 2.00 0.50
CA PHE A 239 19.53 1.89 -0.74
C PHE A 239 19.65 0.50 -1.36
N ASN A 240 20.86 0.15 -1.77
CA ASN A 240 21.10 -1.15 -2.45
C ASN A 240 20.53 -2.32 -1.65
N SER A 241 20.67 -2.28 -0.31
CA SER A 241 20.21 -3.40 0.54
C SER A 241 18.71 -3.50 0.56
N ARG A 242 18.03 -2.36 0.67
CA ARG A 242 16.56 -2.30 0.78
C ARG A 242 15.81 -2.21 -0.56
N LEU A 243 16.48 -1.82 -1.63
CA LEU A 243 15.79 -1.78 -2.93
C LEU A 243 14.85 -2.99 -3.18
N PRO A 244 15.35 -4.23 -3.03
CA PRO A 244 14.49 -5.36 -3.45
C PRO A 244 13.32 -5.64 -2.49
N ILE A 245 13.42 -5.15 -1.26
CA ILE A 245 12.36 -5.28 -0.26
C ILE A 245 11.17 -4.40 -0.65
N VAL A 246 11.48 -3.13 -0.90
CA VAL A 246 10.53 -2.18 -1.46
C VAL A 246 9.91 -2.76 -2.71
N MET A 247 10.74 -3.25 -3.62
CA MET A 247 10.22 -3.78 -4.88
C MET A 247 9.25 -4.95 -4.62
N LYS A 248 9.57 -5.78 -3.64
CA LYS A 248 8.77 -6.97 -3.35
C LYS A 248 7.37 -6.50 -2.92
N ARG A 249 7.35 -5.58 -1.96
CA ARG A 249 6.10 -5.06 -1.43
C ARG A 249 5.27 -4.32 -2.48
N VAL A 250 5.90 -3.71 -3.47
CA VAL A 250 5.11 -3.15 -4.55
C VAL A 250 4.39 -4.30 -5.26
N ALA A 251 5.11 -5.37 -5.53
CA ALA A 251 4.52 -6.51 -6.23
C ALA A 251 3.47 -7.16 -5.34
N GLN A 252 3.82 -7.40 -4.07
CA GLN A 252 2.90 -8.14 -3.21
C GLN A 252 1.56 -7.42 -3.12
N GLY A 253 1.61 -6.12 -2.83
CA GLY A 253 0.42 -5.25 -2.86
C GLY A 253 -0.42 -5.40 -4.11
N GLY A 254 0.22 -5.35 -5.26
CA GLY A 254 -0.48 -5.52 -6.53
C GLY A 254 -1.11 -6.90 -6.75
N ILE A 255 -0.35 -7.96 -6.49
CA ILE A 255 -0.89 -9.31 -6.68
C ILE A 255 -2.04 -9.54 -5.71
N ARG A 256 -1.81 -9.18 -4.44
CA ARG A 256 -2.83 -9.24 -3.41
C ARG A 256 -4.11 -8.46 -3.80
N LEU A 257 -3.95 -7.27 -4.38
CA LEU A 257 -5.11 -6.44 -4.78
C LEU A 257 -5.95 -7.11 -5.86
N ALA A 258 -5.28 -7.56 -6.92
CA ALA A 258 -5.96 -8.28 -7.99
C ALA A 258 -6.77 -9.49 -7.47
N MET A 259 -6.23 -10.17 -6.46
CA MET A 259 -6.93 -11.29 -5.81
C MET A 259 -8.24 -10.81 -5.12
N LEU A 260 -8.17 -9.73 -4.35
CA LEU A 260 -9.35 -9.19 -3.66
C LEU A 260 -10.45 -8.78 -4.63
N LEU A 261 -10.10 -7.90 -5.57
CA LEU A 261 -11.04 -7.43 -6.57
C LEU A 261 -11.62 -8.61 -7.33
N ASN A 262 -10.77 -9.54 -7.74
CA ASN A 262 -11.23 -10.75 -8.44
C ASN A 262 -12.32 -11.44 -7.63
N ASN A 263 -12.14 -11.53 -6.32
CA ASN A 263 -13.12 -12.18 -5.46
C ASN A 263 -14.36 -11.31 -5.22
N VAL A 264 -14.18 -10.00 -5.09
CA VAL A 264 -15.30 -9.12 -4.77
C VAL A 264 -16.26 -8.98 -5.94
N PHE A 265 -15.73 -9.20 -7.15
CA PHE A 265 -16.50 -8.97 -8.37
C PHE A 265 -16.96 -10.28 -8.98
N GLY A 266 -16.21 -11.35 -8.72
CA GLY A 266 -16.71 -12.71 -8.93
C GLY A 266 -17.80 -13.02 -7.93
C1 NAG B . -16.28 2.67 6.20
C2 NAG B . -15.52 3.61 7.12
C3 NAG B . -16.49 4.65 7.62
C4 NAG B . -17.14 5.36 6.45
C5 NAG B . -17.54 4.43 5.29
C6 NAG B . -17.74 5.25 4.00
C7 NAG B . -13.68 2.39 8.22
C8 NAG B . -13.14 1.77 9.47
N2 NAG B . -14.86 2.99 8.28
O3 NAG B . -15.76 5.62 8.34
O4 NAG B . -18.24 6.09 6.95
O5 NAG B . -16.58 3.39 5.04
O6 NAG B . -18.70 4.61 3.19
O7 NAG B . -13.04 2.30 7.17
C1 NAG B . -17.81 7.34 7.53
C2 NAG B . -18.91 8.40 7.43
C3 NAG B . -18.38 9.70 8.02
C4 NAG B . -17.92 9.44 9.44
C5 NAG B . -16.81 8.40 9.42
C6 NAG B . -16.09 8.22 10.77
C7 NAG B . -20.09 7.88 5.37
C8 NAG B . -20.31 8.26 3.94
N2 NAG B . -19.23 8.63 6.04
O3 NAG B . -19.35 10.73 7.97
O4 NAG B . -17.55 10.66 10.05
O5 NAG B . -17.39 7.21 8.89
O6 NAG B . -16.65 7.19 11.54
O7 NAG B . -20.66 6.93 5.87
C1 BMA B . -18.67 11.15 10.81
C2 BMA B . -18.32 11.13 12.29
C3 BMA B . -19.63 11.24 13.05
C4 BMA B . -20.57 12.33 12.49
C5 BMA B . -20.41 12.70 10.99
C6 BMA B . -20.78 14.17 10.72
O2 BMA B . -17.41 12.19 12.59
O3 BMA B . -19.35 11.46 14.45
O4 BMA B . -21.92 11.89 12.68
O5 BMA B . -19.08 12.47 10.49
O6 BMA B . -21.40 14.27 9.42
C1 NAG C . -18.78 8.77 -6.67
C2 NAG C . -19.73 9.75 -7.33
C3 NAG C . -19.06 10.48 -8.49
C4 NAG C . -17.64 10.95 -8.15
C5 NAG C . -16.87 9.91 -7.36
C6 NAG C . -15.56 10.45 -6.78
C7 NAG C . -22.15 9.58 -7.58
C8 NAG C . -23.30 8.81 -8.17
N2 NAG C . -20.94 9.11 -7.84
O3 NAG C . -19.87 11.58 -8.82
O4 NAG C . -16.99 11.14 -9.38
O5 NAG C . -17.65 9.51 -6.27
O6 NAG C . -15.86 11.27 -5.69
O7 NAG C . -22.35 10.58 -6.88
C1 NAG C . -16.51 12.49 -9.47
C2 NAG C . -15.31 12.48 -10.42
C3 NAG C . -14.89 13.88 -10.89
C4 NAG C . -16.04 14.89 -10.97
C5 NAG C . -17.19 14.68 -9.97
C6 NAG C . -18.47 15.43 -10.34
C7 NAG C . -13.94 10.49 -10.14
C8 NAG C . -12.74 9.91 -9.45
N2 NAG C . -14.18 11.77 -9.84
O3 NAG C . -14.32 13.73 -12.17
O4 NAG C . -15.49 16.20 -10.87
O5 NAG C . -17.55 13.32 -9.93
O6 NAG C . -18.73 16.48 -9.41
O7 NAG C . -14.66 9.80 -10.89
C1 BMA C . -15.77 16.95 -12.08
C2 BMA C . -15.96 18.42 -11.76
C3 BMA C . -16.26 19.24 -13.03
C4 BMA C . -15.44 18.80 -14.26
C5 BMA C . -15.23 17.28 -14.36
C6 BMA C . -14.26 16.85 -15.47
O2 BMA C . -14.80 18.88 -11.07
O3 BMA C . -16.10 20.65 -12.77
O4 BMA C . -16.10 19.27 -15.45
O5 BMA C . -14.78 16.80 -13.09
O6 BMA C . -12.91 16.64 -14.98
C1 MAN C . -12.01 16.43 -16.10
C2 MAN C . -10.73 15.74 -15.62
C3 MAN C . -9.89 16.67 -14.76
C4 MAN C . -9.56 17.90 -15.57
C5 MAN C . -10.86 18.54 -16.01
C6 MAN C . -10.61 19.81 -16.83
O2 MAN C . -10.02 15.39 -16.79
O3 MAN C . -8.70 16.07 -14.34
O4 MAN C . -8.79 18.76 -14.77
O5 MAN C . -11.62 17.63 -16.78
O6 MAN C . -11.30 19.72 -18.06
ZN ZN D . 0.57 5.58 -0.21
ZN ZN E . -2.07 6.78 1.51
ZN ZN F . 3.25 7.16 3.46
P PO4 G . 0.76 7.57 1.68
O1 PO4 G . 1.67 6.32 1.60
O2 PO4 G . 1.63 8.82 1.96
O3 PO4 G . 0.07 7.71 0.33
O4 PO4 G . -0.37 7.49 2.71
#